data_5VD7
#
_entry.id   5VD7
#
_cell.length_a   50.190
_cell.length_b   44.550
_cell.length_c   64.640
_cell.angle_alpha   90.000
_cell.angle_beta   102.050
_cell.angle_gamma   90.000
#
_symmetry.space_group_name_H-M   'P 1 21 1'
#
loop_
_entity.id
_entity.type
_entity.pdbx_description
1 polymer 'Wee1-like protein kinase'
2 non-polymer 6-{[3-fluoro-4-(4-methylpiperazin-1-yl)phenyl]amino}-1-[6-(2-hydroxypropan-2-yl)pyridin-2-yl]-2-(prop-2-en-1-yl)-1,2-dihydro-3H-pyrazolo[3,4-d]pyrimidin-3-one
3 non-polymer 'CHLORIDE ION'
4 non-polymer 1,2-ETHANEDIOL
5 water water
#
_entity_poly.entity_id   1
_entity_poly.type   'polypeptide(L)'
_entity_poly.pdbx_seq_one_letter_code
;GAGSMKSRYTTEFHELEKIGSGEFGSVFKCVKRLDGCIYAIKRSKKPLAGSVDEQNALREVYAHAVLGQHSHVVRYFSAW
AEDDHMLIQNEYCNGGSLADAISENYRIMSYFKEAELKDLLLQVGRGLRYIHSMSLVHMDIKPSNIFISRTSIPNAASEE
GDEDDWASNKVMFKIGDLGHVTRISSPQVEEGDSRFLANEVLQENYTHLPKADIFALALTVVCAAGAEPLPRNGDQWHEI
RQGRLPRIPQVLSQEFTELLKVMIHPDPERRPSAMALVKHSVLLSASRK
;
_entity_poly.pdbx_strand_id   A
#
# COMPACT_ATOMS: atom_id res chain seq x y z
N SER A 7 -22.92 20.54 -9.84
CA SER A 7 -21.96 19.70 -9.15
C SER A 7 -20.65 19.60 -9.93
N ARG A 8 -19.53 19.85 -9.26
CA ARG A 8 -18.22 19.82 -9.89
C ARG A 8 -17.89 18.42 -10.41
N TYR A 9 -18.26 17.40 -9.64
CA TYR A 9 -18.02 16.02 -10.02
C TYR A 9 -18.68 15.69 -11.36
N THR A 10 -19.98 15.94 -11.45
CA THR A 10 -20.72 15.71 -12.68
C THR A 10 -20.23 16.63 -13.79
N THR A 11 -19.87 17.85 -13.42
CA THR A 11 -19.44 18.87 -14.38
C THR A 11 -18.10 18.51 -15.01
N GLU A 12 -17.10 18.25 -14.17
CA GLU A 12 -15.74 18.03 -14.65
C GLU A 12 -15.50 16.61 -15.15
N PHE A 13 -16.32 15.66 -14.70
CA PHE A 13 -16.08 14.24 -14.98
C PHE A 13 -17.32 13.51 -15.46
N HIS A 14 -17.09 12.44 -16.22
CA HIS A 14 -18.13 11.50 -16.59
C HIS A 14 -17.81 10.12 -16.02
N GLU A 15 -18.76 9.56 -15.26
CA GLU A 15 -18.60 8.23 -14.68
C GLU A 15 -18.61 7.14 -15.74
N LEU A 16 -17.63 6.23 -15.65
CA LEU A 16 -17.54 5.09 -16.55
C LEU A 16 -17.93 3.80 -15.85
N GLU A 17 -17.48 3.64 -14.61
CA GLU A 17 -17.63 2.38 -13.91
C GLU A 17 -17.23 2.50 -12.44
N LYS A 18 -17.97 1.83 -11.57
CA LYS A 18 -17.62 1.71 -10.17
C LYS A 18 -16.57 0.61 -10.02
N ILE A 19 -15.41 0.96 -9.47
CA ILE A 19 -14.31 0.01 -9.35
C ILE A 19 -14.01 -0.34 -7.89
N GLY A 20 -14.74 0.27 -6.96
CA GLY A 20 -14.58 -0.04 -5.55
C GLY A 20 -15.74 0.44 -4.69
N SER A 21 -15.97 -0.26 -3.59
CA SER A 21 -17.01 0.11 -2.63
C SER A 21 -16.71 -0.44 -1.24
N GLY A 22 -17.30 0.16 -0.23
CA GLY A 22 -17.12 -0.28 1.14
C GLY A 22 -17.55 0.75 2.16
N GLU A 23 -17.06 0.61 3.38
CA GLU A 23 -17.36 1.57 4.44
C GLU A 23 -16.66 2.91 4.22
N PHE A 24 -15.91 3.00 3.13
CA PHE A 24 -15.23 4.23 2.74
C PHE A 24 -16.02 5.00 1.69
N GLY A 25 -17.17 4.46 1.28
CA GLY A 25 -17.93 5.01 0.17
C GLY A 25 -17.68 4.22 -1.11
N SER A 26 -17.44 4.94 -2.20
CA SER A 26 -17.23 4.31 -3.51
C SER A 26 -16.07 4.92 -4.29
N VAL A 27 -15.52 4.14 -5.22
CA VAL A 27 -14.51 4.62 -6.15
C VAL A 27 -15.00 4.43 -7.57
N PHE A 28 -14.85 5.45 -8.40
CA PHE A 28 -15.31 5.39 -9.79
C PHE A 28 -14.17 5.64 -10.76
N LYS A 29 -14.12 4.82 -11.81
CA LYS A 29 -13.31 5.11 -12.98
C LYS A 29 -14.03 6.20 -13.75
N CYS A 30 -13.35 7.34 -13.93
CA CYS A 30 -13.96 8.51 -14.55
C CYS A 30 -13.05 9.06 -15.63
N VAL A 31 -13.65 9.61 -16.69
CA VAL A 31 -12.90 10.37 -17.67
C VAL A 31 -13.16 11.84 -17.38
N LYS A 32 -12.08 12.62 -17.33
CA LYS A 32 -12.21 14.06 -17.17
C LYS A 32 -12.45 14.69 -18.53
N ARG A 33 -13.56 15.40 -18.65
CA ARG A 33 -14.02 15.92 -19.94
C ARG A 33 -12.97 16.79 -20.62
N LEU A 34 -12.28 17.60 -19.83
CA LEU A 34 -11.36 18.60 -20.37
C LEU A 34 -10.10 18.01 -20.99
N ASP A 35 -9.52 16.98 -20.37
CA ASP A 35 -8.25 16.42 -20.85
C ASP A 35 -8.39 15.02 -21.43
N GLY A 36 -9.56 14.41 -21.25
CA GLY A 36 -9.83 13.10 -21.84
C GLY A 36 -9.08 11.97 -21.16
N CYS A 37 -8.46 12.25 -20.02
CA CYS A 37 -7.70 11.23 -19.28
C CYS A 37 -8.58 10.51 -18.27
N ILE A 38 -8.11 9.35 -17.82
CA ILE A 38 -8.86 8.52 -16.89
C ILE A 38 -8.33 8.70 -15.47
N TYR A 39 -9.25 8.80 -14.52
CA TYR A 39 -8.90 8.96 -13.11
C TYR A 39 -9.75 8.05 -12.24
N ALA A 40 -9.18 7.65 -11.10
CA ALA A 40 -9.94 6.97 -10.06
C ALA A 40 -10.38 8.02 -9.04
N ILE A 41 -11.69 8.20 -8.93
CA ILE A 41 -12.26 9.19 -8.02
C ILE A 41 -12.98 8.46 -6.89
N LYS A 42 -12.56 8.76 -5.66
CA LYS A 42 -13.21 8.21 -4.47
C LYS A 42 -14.26 9.18 -3.98
N ARG A 43 -15.48 8.69 -3.81
CA ARG A 43 -16.58 9.50 -3.32
C ARG A 43 -17.09 8.93 -2.01
N SER A 44 -17.14 9.77 -0.98
CA SER A 44 -17.50 9.30 0.36
C SER A 44 -18.26 10.35 1.14
N LYS A 45 -19.11 9.87 2.05
CA LYS A 45 -19.81 10.75 2.98
C LYS A 45 -18.77 11.53 3.78
N LYS A 46 -18.91 12.85 3.83
CA LYS A 46 -17.99 13.66 4.61
C LYS A 46 -18.07 13.19 6.06
N PRO A 47 -16.97 12.74 6.61
CA PRO A 47 -17.00 12.22 7.95
C PRO A 47 -17.39 13.23 8.98
N LEU A 48 -17.79 12.73 10.12
CA LEU A 48 -18.18 13.58 11.23
C LEU A 48 -17.00 14.39 11.70
N ALA A 49 -17.19 15.68 11.83
CA ALA A 49 -16.11 16.53 12.29
C ALA A 49 -15.46 15.97 13.55
N GLY A 50 -14.15 16.02 13.60
CA GLY A 50 -13.43 15.49 14.75
C GLY A 50 -13.38 13.99 14.85
N SER A 51 -13.92 13.28 13.90
CA SER A 51 -13.91 11.83 13.95
C SER A 51 -12.65 11.12 13.41
N VAL A 52 -12.74 9.80 13.46
CA VAL A 52 -11.73 8.91 12.95
C VAL A 52 -11.58 9.06 11.46
N ASP A 53 -12.67 8.89 10.73
CA ASP A 53 -12.52 8.98 9.29
C ASP A 53 -12.12 10.37 8.82
N GLU A 54 -12.42 11.40 9.61
CA GLU A 54 -11.97 12.75 9.27
C GLU A 54 -10.46 12.83 9.46
N GLN A 55 -9.98 12.29 10.57
CA GLN A 55 -8.56 12.27 10.85
C GLN A 55 -7.83 11.46 9.79
N ASN A 56 -8.38 10.30 9.48
CA ASN A 56 -7.86 9.45 8.40
C ASN A 56 -7.88 10.17 7.07
N ALA A 57 -8.94 10.94 6.82
CA ALA A 57 -9.10 11.66 5.55
C ALA A 57 -8.10 12.80 5.42
N LEU A 58 -7.82 13.47 6.53
CA LEU A 58 -6.90 14.62 6.51
C LEU A 58 -5.46 14.18 6.34
N ARG A 59 -5.13 13.01 6.88
CA ARG A 59 -3.80 12.43 6.69
C ARG A 59 -3.52 12.29 5.20
N GLU A 60 -4.55 11.89 4.46
CA GLU A 60 -4.45 11.72 3.02
C GLU A 60 -4.14 13.04 2.31
N VAL A 61 -4.95 14.08 2.57
CA VAL A 61 -4.75 15.39 1.95
C VAL A 61 -3.35 15.91 2.30
N TYR A 62 -3.03 15.91 3.58
CA TYR A 62 -1.82 16.57 4.03
C TYR A 62 -0.58 15.75 3.71
N ALA A 63 -0.77 14.50 3.30
CA ALA A 63 0.32 13.68 2.80
C ALA A 63 0.71 14.10 1.38
N HIS A 64 -0.28 14.48 0.57
CA HIS A 64 0.04 14.99 -0.76
C HIS A 64 0.74 16.33 -0.68
N ALA A 65 0.25 17.18 0.21
CA ALA A 65 0.83 18.51 0.43
C ALA A 65 2.35 18.43 0.55
N VAL A 66 2.81 17.32 1.12
CA VAL A 66 4.23 17.07 1.31
C VAL A 66 4.86 16.31 0.14
N LEU A 67 4.18 15.26 -0.32
CA LEU A 67 4.83 14.28 -1.18
C LEU A 67 5.05 14.71 -2.63
N GLY A 68 4.06 15.36 -3.23
CA GLY A 68 4.18 15.78 -4.62
C GLY A 68 3.87 14.65 -5.60
N GLN A 69 4.91 14.08 -6.20
CA GLN A 69 4.75 13.13 -7.30
C GLN A 69 5.92 12.15 -7.42
N HIS A 70 5.60 10.87 -7.53
CA HIS A 70 6.61 9.82 -7.68
C HIS A 70 6.02 8.65 -8.48
N SER A 71 6.88 7.95 -9.23
CA SER A 71 6.41 6.97 -10.20
C SER A 71 5.97 5.65 -9.58
N HIS A 72 6.20 5.48 -8.27
CA HIS A 72 5.77 4.29 -7.56
C HIS A 72 4.86 4.67 -6.39
N VAL A 73 4.25 5.85 -6.51
CA VAL A 73 3.17 6.27 -5.63
C VAL A 73 2.02 6.74 -6.51
N VAL A 74 0.82 6.29 -6.20
CA VAL A 74 -0.36 6.70 -6.96
C VAL A 74 -0.49 8.22 -6.88
N ARG A 75 -0.44 8.86 -8.04
CA ARG A 75 -0.47 10.32 -8.08
C ARG A 75 -1.81 10.86 -7.64
N TYR A 76 -1.75 11.96 -6.89
CA TYR A 76 -2.93 12.67 -6.41
C TYR A 76 -3.05 13.95 -7.21
N PHE A 77 -4.26 14.26 -7.68
CA PHE A 77 -4.49 15.44 -8.52
C PHE A 77 -5.28 16.50 -7.78
N SER A 78 -6.38 16.13 -7.14
CA SER A 78 -7.16 17.09 -6.38
C SER A 78 -8.10 16.43 -5.40
N ALA A 79 -8.58 17.23 -4.46
CA ALA A 79 -9.55 16.80 -3.47
C ALA A 79 -10.50 17.95 -3.16
N TRP A 80 -11.78 17.66 -3.07
CA TRP A 80 -12.76 18.68 -2.73
C TRP A 80 -13.96 18.06 -2.03
N ALA A 81 -14.83 18.92 -1.52
CA ALA A 81 -16.06 18.47 -0.87
C ALA A 81 -17.23 19.25 -1.40
N GLU A 82 -18.38 18.59 -1.47
CA GLU A 82 -19.60 19.20 -1.99
C GLU A 82 -20.79 18.29 -1.70
N ASP A 83 -21.95 18.88 -1.43
CA ASP A 83 -23.17 18.11 -1.25
C ASP A 83 -23.01 17.09 -0.13
N ASP A 84 -22.25 17.47 0.90
CA ASP A 84 -22.04 16.63 2.07
C ASP A 84 -21.22 15.37 1.77
N HIS A 85 -20.45 15.43 0.69
CA HIS A 85 -19.50 14.37 0.34
C HIS A 85 -18.11 14.95 0.15
N MET A 86 -17.09 14.12 0.25
CA MET A 86 -15.74 14.51 -0.12
C MET A 86 -15.27 13.63 -1.26
N LEU A 87 -14.54 14.24 -2.19
CA LEU A 87 -14.05 13.54 -3.36
C LEU A 87 -12.56 13.76 -3.53
N ILE A 88 -11.86 12.68 -3.88
CA ILE A 88 -10.42 12.73 -4.11
C ILE A 88 -10.10 12.10 -5.47
N GLN A 89 -9.43 12.87 -6.31
CA GLN A 89 -9.14 12.48 -7.68
C GLN A 89 -7.69 11.99 -7.79
N ASN A 90 -7.54 10.71 -8.10
CA ASN A 90 -6.22 10.10 -8.21
C ASN A 90 -5.97 9.51 -9.60
N GLU A 91 -4.69 9.26 -9.86
CA GLU A 91 -4.26 8.47 -11.00
C GLU A 91 -5.09 7.20 -11.11
N TYR A 92 -5.43 6.80 -12.34
CA TYR A 92 -6.09 5.52 -12.57
C TYR A 92 -5.08 4.49 -13.08
N CYS A 93 -4.90 3.45 -12.29
CA CYS A 93 -4.01 2.34 -12.63
C CYS A 93 -4.85 1.21 -13.22
N ASN A 94 -4.64 0.95 -14.50
CA ASN A 94 -5.50 0.05 -15.27
C ASN A 94 -5.40 -1.43 -14.87
N GLY A 95 -4.40 -1.76 -14.06
CA GLY A 95 -4.15 -3.13 -13.66
C GLY A 95 -4.82 -3.53 -12.37
N GLY A 96 -5.61 -2.62 -11.80
CA GLY A 96 -6.23 -2.87 -10.51
C GLY A 96 -5.18 -2.89 -9.42
N SER A 97 -5.49 -3.54 -8.30
CA SER A 97 -4.56 -3.63 -7.18
C SER A 97 -3.88 -4.99 -7.17
N LEU A 98 -2.80 -5.11 -6.43
CA LEU A 98 -2.08 -6.37 -6.31
C LEU A 98 -3.00 -7.45 -5.73
N ALA A 99 -3.95 -7.03 -4.90
CA ALA A 99 -4.91 -7.96 -4.32
C ALA A 99 -5.80 -8.58 -5.39
N ASP A 100 -6.29 -7.75 -6.29
CA ASP A 100 -7.09 -8.23 -7.41
C ASP A 100 -6.29 -9.22 -8.25
N ALA A 101 -5.03 -8.88 -8.49
CA ALA A 101 -4.15 -9.72 -9.31
C ALA A 101 -3.88 -11.06 -8.62
N ILE A 102 -3.68 -11.04 -7.31
CA ILE A 102 -3.45 -12.25 -6.54
C ILE A 102 -4.69 -13.13 -6.63
N SER A 103 -5.87 -12.53 -6.49
CA SER A 103 -7.12 -13.27 -6.58
C SER A 103 -7.28 -13.88 -7.97
N GLU A 104 -6.95 -13.10 -8.99
CA GLU A 104 -7.06 -13.56 -10.37
C GLU A 104 -6.09 -14.70 -10.65
N ASN A 105 -4.93 -14.68 -9.98
CA ASN A 105 -3.94 -15.74 -10.13
C ASN A 105 -4.49 -17.08 -9.67
N TYR A 106 -5.21 -17.07 -8.55
CA TYR A 106 -5.79 -18.30 -8.02
C TYR A 106 -6.95 -18.80 -8.88
N ARG A 107 -7.74 -17.87 -9.40
CA ARG A 107 -8.89 -18.22 -10.24
C ARG A 107 -8.46 -19.04 -11.46
N ILE A 108 -7.57 -18.47 -12.25
CA ILE A 108 -7.09 -19.10 -13.48
C ILE A 108 -5.85 -19.95 -13.24
N MET A 109 -5.36 -19.94 -12.00
CA MET A 109 -4.24 -20.78 -11.59
C MET A 109 -2.94 -20.42 -12.30
N SER A 110 -2.59 -19.14 -12.27
CA SER A 110 -1.27 -18.68 -12.70
C SER A 110 -0.48 -18.28 -11.47
N TYR A 111 0.62 -17.55 -11.65
CA TYR A 111 1.43 -17.11 -10.53
C TYR A 111 2.45 -16.04 -10.94
N PHE A 112 3.01 -15.37 -9.94
CA PHE A 112 4.11 -14.44 -10.15
C PHE A 112 5.43 -15.20 -10.06
N LYS A 113 6.20 -15.17 -11.14
CA LYS A 113 7.53 -15.80 -11.15
C LYS A 113 8.37 -15.20 -10.04
N GLU A 114 9.39 -15.93 -9.59
CA GLU A 114 10.28 -15.43 -8.55
C GLU A 114 10.87 -14.08 -8.96
N ALA A 115 11.19 -13.96 -10.24
CA ALA A 115 11.69 -12.71 -10.78
C ALA A 115 10.68 -11.58 -10.57
N GLU A 116 9.42 -11.89 -10.84
CA GLU A 116 8.36 -10.88 -10.72
C GLU A 116 8.09 -10.51 -9.27
N LEU A 117 8.31 -11.45 -8.35
CA LEU A 117 8.22 -11.15 -6.93
C LEU A 117 9.31 -10.14 -6.54
N LYS A 118 10.50 -10.33 -7.10
CA LYS A 118 11.62 -9.44 -6.82
C LYS A 118 11.40 -8.06 -7.42
N ASP A 119 10.78 -8.01 -8.59
CA ASP A 119 10.46 -6.75 -9.25
C ASP A 119 9.44 -5.97 -8.43
N LEU A 120 8.45 -6.70 -7.91
CA LEU A 120 7.44 -6.10 -7.04
C LEU A 120 8.09 -5.50 -5.80
N LEU A 121 9.04 -6.23 -5.21
CA LEU A 121 9.67 -5.80 -3.97
C LEU A 121 10.50 -4.54 -4.19
N LEU A 122 11.24 -4.50 -5.29
CA LEU A 122 12.07 -3.35 -5.60
C LEU A 122 11.24 -2.10 -5.87
N GLN A 123 10.23 -2.25 -6.70
CA GLN A 123 9.40 -1.11 -7.10
C GLN A 123 8.65 -0.47 -5.93
N VAL A 124 7.98 -1.30 -5.12
CA VAL A 124 7.32 -0.78 -3.92
C VAL A 124 8.36 -0.25 -2.94
N GLY A 125 9.54 -0.89 -2.94
CA GLY A 125 10.64 -0.45 -2.10
C GLY A 125 11.10 0.95 -2.46
N ARG A 126 11.08 1.25 -3.75
CA ARG A 126 11.44 2.58 -4.22
C ARG A 126 10.42 3.61 -3.78
N GLY A 127 9.15 3.25 -3.84
CA GLY A 127 8.09 4.12 -3.36
C GLY A 127 8.29 4.41 -1.88
N LEU A 128 8.56 3.36 -1.11
CA LEU A 128 8.78 3.51 0.33
C LEU A 128 9.99 4.40 0.65
N ARG A 129 11.08 4.23 -0.08
CA ARG A 129 12.26 5.04 0.16
C ARG A 129 11.94 6.51 -0.04
N TYR A 130 11.17 6.81 -1.07
CA TYR A 130 10.79 8.18 -1.34
C TYR A 130 9.94 8.74 -0.20
N ILE A 131 8.92 7.99 0.19
CA ILE A 131 8.00 8.43 1.25
C ILE A 131 8.77 8.64 2.55
N HIS A 132 9.68 7.72 2.86
CA HIS A 132 10.45 7.79 4.10
C HIS A 132 11.42 8.97 4.08
N SER A 133 11.94 9.31 2.91
CA SER A 133 12.86 10.43 2.77
C SER A 133 12.15 11.75 3.05
N MET A 134 10.84 11.77 2.86
CA MET A 134 10.01 12.94 3.15
C MET A 134 9.54 12.93 4.59
N SER A 135 10.18 12.10 5.40
CA SER A 135 9.89 11.99 6.84
C SER A 135 8.48 11.51 7.11
N LEU A 136 7.93 10.72 6.18
CA LEU A 136 6.61 10.13 6.34
C LEU A 136 6.68 8.60 6.33
N VAL A 137 5.64 7.98 6.85
CA VAL A 137 5.49 6.52 6.84
C VAL A 137 4.08 6.19 6.36
N HIS A 138 3.92 5.08 5.63
CA HIS A 138 2.63 4.77 5.01
C HIS A 138 1.66 4.09 5.99
N MET A 139 2.18 3.13 6.75
CA MET A 139 1.46 2.49 7.87
C MET A 139 0.25 1.65 7.46
N ASP A 140 0.12 1.33 6.18
CA ASP A 140 -0.94 0.42 5.77
C ASP A 140 -0.58 -0.27 4.45
N ILE A 141 0.67 -0.73 4.37
CA ILE A 141 1.12 -1.47 3.20
C ILE A 141 0.48 -2.87 3.22
N LYS A 142 -0.12 -3.21 2.09
CA LYS A 142 -0.73 -4.51 1.89
C LYS A 142 -1.17 -4.59 0.42
N PRO A 143 -1.40 -5.81 -0.10
CA PRO A 143 -1.73 -5.97 -1.52
C PRO A 143 -2.83 -5.04 -2.04
N SER A 144 -3.88 -4.81 -1.27
CA SER A 144 -5.01 -4.01 -1.73
C SER A 144 -4.68 -2.53 -1.88
N ASN A 145 -3.54 -2.11 -1.35
CA ASN A 145 -3.10 -0.72 -1.44
C ASN A 145 -1.90 -0.54 -2.36
N ILE A 146 -1.51 -1.61 -3.04
CA ILE A 146 -0.54 -1.55 -4.12
C ILE A 146 -1.28 -1.66 -5.45
N PHE A 147 -1.10 -0.68 -6.33
CA PHE A 147 -1.83 -0.63 -7.59
C PHE A 147 -0.89 -0.86 -8.78
N ILE A 148 -1.47 -1.35 -9.87
CA ILE A 148 -0.72 -1.82 -11.03
C ILE A 148 -1.09 -1.07 -12.30
N SER A 149 -0.08 -0.53 -12.98
CA SER A 149 -0.24 0.04 -14.31
C SER A 149 0.52 -0.82 -15.32
N ARG A 150 -0.19 -1.25 -16.37
CA ARG A 150 0.40 -2.08 -17.42
C ARG A 150 0.76 -1.19 -18.60
N THR A 151 2.05 -1.22 -18.96
CA THR A 151 2.61 -0.24 -19.88
C THR A 151 2.74 -0.78 -21.30
N LYS A 170 6.96 -4.71 -18.34
CA LYS A 170 5.96 -3.78 -18.86
C LYS A 170 4.91 -3.45 -17.78
N VAL A 171 5.37 -3.27 -16.55
CA VAL A 171 4.46 -3.10 -15.41
C VAL A 171 5.04 -2.15 -14.34
N MET A 172 4.18 -1.27 -13.83
CA MET A 172 4.53 -0.37 -12.74
C MET A 172 3.69 -0.67 -11.49
N PHE A 173 4.36 -0.86 -10.36
CA PHE A 173 3.67 -1.00 -9.07
C PHE A 173 3.71 0.33 -8.33
N LYS A 174 2.55 0.74 -7.80
CA LYS A 174 2.41 2.04 -7.16
C LYS A 174 1.71 1.96 -5.81
N ILE A 175 2.28 2.65 -4.81
CA ILE A 175 1.70 2.72 -3.47
C ILE A 175 0.51 3.67 -3.45
N GLY A 176 -0.64 3.17 -2.98
CA GLY A 176 -1.85 3.98 -2.89
C GLY A 176 -2.45 3.97 -1.50
N ASP A 177 -3.59 4.64 -1.37
CA ASP A 177 -4.33 4.75 -0.11
C ASP A 177 -3.44 5.30 1.02
N LEU A 178 -3.36 6.62 1.07
CA LEU A 178 -2.45 7.33 1.96
C LEU A 178 -3.14 7.76 3.25
N GLY A 179 -4.23 7.07 3.59
CA GLY A 179 -5.08 7.45 4.71
C GLY A 179 -4.48 7.15 6.08
N HIS A 180 -3.44 6.35 6.12
CA HIS A 180 -2.75 6.04 7.39
C HIS A 180 -1.38 6.72 7.47
N VAL A 181 -1.03 7.51 6.46
CA VAL A 181 0.27 8.16 6.44
C VAL A 181 0.40 9.11 7.61
N THR A 182 1.52 9.00 8.32
CA THR A 182 1.81 9.87 9.46
C THR A 182 3.28 10.25 9.42
N ARG A 183 3.63 11.20 10.27
CA ARG A 183 5.00 11.69 10.34
C ARG A 183 5.87 10.69 11.09
N ILE A 184 7.14 10.59 10.70
CA ILE A 184 8.12 9.86 11.49
C ILE A 184 8.37 10.62 12.79
N SER A 185 8.48 11.94 12.67
CA SER A 185 8.84 12.82 13.79
C SER A 185 7.79 12.84 14.90
N SER A 186 6.62 13.41 14.60
CA SER A 186 5.49 13.43 15.53
C SER A 186 4.39 12.51 15.01
N PRO A 187 4.53 11.19 15.24
CA PRO A 187 3.63 10.19 14.66
C PRO A 187 2.26 10.12 15.33
N GLN A 188 1.22 10.15 14.51
CA GLN A 188 -0.15 9.92 14.97
C GLN A 188 -0.64 8.63 14.32
N VAL A 189 -0.56 7.53 15.07
CA VAL A 189 -0.72 6.21 14.49
C VAL A 189 -2.14 5.65 14.57
N GLU A 190 -2.80 5.60 13.41
CA GLU A 190 -3.95 4.74 13.21
C GLU A 190 -3.42 3.40 12.73
N GLU A 191 -3.61 2.36 13.54
CA GLU A 191 -3.04 1.05 13.22
C GLU A 191 -3.63 0.51 11.93
N GLY A 192 -2.78 -0.13 11.11
CA GLY A 192 -3.21 -0.71 9.87
C GLY A 192 -3.80 -2.10 10.05
N ASP A 193 -4.08 -2.77 8.94
CA ASP A 193 -4.57 -4.14 8.94
C ASP A 193 -3.73 -5.02 9.87
N SER A 194 -4.40 -5.75 10.75
CA SER A 194 -3.71 -6.57 11.75
C SER A 194 -2.87 -7.67 11.10
N ARG A 195 -3.27 -8.09 9.90
CA ARG A 195 -2.58 -9.16 9.19
C ARG A 195 -1.16 -8.79 8.78
N PHE A 196 -0.90 -7.49 8.61
CA PHE A 196 0.38 -7.00 8.12
C PHE A 196 1.08 -6.11 9.14
N LEU A 197 0.60 -6.15 10.38
CA LEU A 197 1.07 -5.25 11.42
C LEU A 197 2.23 -5.84 12.22
N ALA A 198 3.34 -5.10 12.29
CA ALA A 198 4.48 -5.52 13.10
C ALA A 198 4.14 -5.40 14.59
N ASN A 199 4.73 -6.27 15.40
CA ASN A 199 4.36 -6.34 16.81
C ASN A 199 4.68 -5.06 17.58
N GLU A 200 5.81 -4.44 17.25
CA GLU A 200 6.26 -3.27 18.00
C GLU A 200 5.27 -2.10 17.87
N VAL A 201 4.53 -2.05 16.77
CA VAL A 201 3.50 -1.02 16.60
C VAL A 201 2.32 -1.36 17.49
N LEU A 202 1.97 -2.64 17.56
CA LEU A 202 0.91 -3.10 18.45
C LEU A 202 1.30 -2.83 19.90
N GLN A 203 2.61 -2.76 20.15
CA GLN A 203 3.13 -2.48 21.48
C GLN A 203 3.28 -0.98 21.72
N GLU A 204 2.71 -0.17 20.84
CA GLU A 204 2.74 1.28 20.97
C GLU A 204 4.17 1.82 20.97
N ASN A 205 5.08 1.08 20.34
CA ASN A 205 6.44 1.54 20.09
C ASN A 205 6.52 2.14 18.69
N TYR A 206 6.63 3.46 18.62
CA TYR A 206 6.64 4.18 17.35
C TYR A 206 7.98 4.84 17.04
N THR A 207 9.06 4.28 17.58
CA THR A 207 10.39 4.86 17.42
C THR A 207 11.05 4.50 16.09
N HIS A 208 10.48 3.51 15.39
CA HIS A 208 11.05 3.05 14.13
C HIS A 208 9.94 2.68 13.13
N LEU A 209 9.00 3.58 12.94
CA LEU A 209 7.84 3.32 12.09
C LEU A 209 8.18 2.98 10.64
N PRO A 210 9.28 3.54 10.08
CA PRO A 210 9.62 3.13 8.71
C PRO A 210 9.83 1.61 8.59
N LYS A 211 10.31 0.99 9.66
CA LYS A 211 10.59 -0.44 9.65
C LYS A 211 9.30 -1.26 9.72
N ALA A 212 8.21 -0.63 10.11
CA ALA A 212 6.92 -1.31 10.11
C ALA A 212 6.40 -1.45 8.68
N ASP A 213 6.65 -0.44 7.85
CA ASP A 213 6.31 -0.49 6.43
C ASP A 213 7.07 -1.64 5.75
N ILE A 214 8.34 -1.81 6.14
CA ILE A 214 9.19 -2.86 5.59
C ILE A 214 8.63 -4.23 5.94
N PHE A 215 8.24 -4.40 7.21
CA PHE A 215 7.62 -5.63 7.69
C PHE A 215 6.40 -5.98 6.85
N ALA A 216 5.55 -4.98 6.63
CA ALA A 216 4.29 -5.18 5.92
C ALA A 216 4.53 -5.48 4.45
N LEU A 217 5.59 -4.90 3.88
CA LEU A 217 5.93 -5.14 2.50
C LEU A 217 6.36 -6.60 2.28
N ALA A 218 7.08 -7.14 3.25
CA ALA A 218 7.55 -8.52 3.16
C ALA A 218 6.36 -9.47 3.10
N LEU A 219 5.39 -9.27 3.97
CA LEU A 219 4.21 -10.12 4.00
C LEU A 219 3.35 -9.90 2.75
N THR A 220 3.43 -8.69 2.19
CA THR A 220 2.73 -8.39 0.94
C THR A 220 3.30 -9.23 -0.19
N VAL A 221 4.62 -9.33 -0.23
CA VAL A 221 5.31 -10.10 -1.25
C VAL A 221 5.04 -11.60 -1.04
N VAL A 222 4.93 -12.01 0.22
CA VAL A 222 4.66 -13.41 0.54
C VAL A 222 3.24 -13.77 0.09
N CYS A 223 2.32 -12.81 0.16
CA CYS A 223 0.97 -13.03 -0.34
C CYS A 223 1.00 -13.23 -1.85
N ALA A 224 1.76 -12.36 -2.53
CA ALA A 224 1.93 -12.45 -3.97
C ALA A 224 2.57 -13.78 -4.36
N ALA A 225 3.37 -14.33 -3.45
CA ALA A 225 4.12 -15.55 -3.71
C ALA A 225 3.27 -16.80 -3.61
N GLY A 226 2.00 -16.63 -3.23
CA GLY A 226 1.06 -17.73 -3.19
C GLY A 226 0.77 -18.28 -1.81
N ALA A 227 1.32 -17.64 -0.78
CA ALA A 227 1.11 -18.08 0.60
C ALA A 227 -0.37 -18.04 0.99
N GLU A 228 -0.72 -18.80 2.01
CA GLU A 228 -2.11 -18.88 2.48
C GLU A 228 -2.53 -17.56 3.13
N PRO A 229 -3.85 -17.35 3.28
CA PRO A 229 -4.36 -16.12 3.90
C PRO A 229 -3.76 -15.87 5.29
N LEU A 230 -3.16 -14.70 5.46
CA LEU A 230 -2.45 -14.37 6.68
C LEU A 230 -3.38 -14.34 7.89
N PRO A 231 -2.87 -14.74 9.07
CA PRO A 231 -3.69 -14.72 10.29
C PRO A 231 -3.96 -13.32 10.82
N ARG A 232 -5.16 -13.10 11.35
CA ARG A 232 -5.52 -11.83 11.97
C ARG A 232 -5.00 -11.75 13.40
N ASN A 233 -4.91 -12.92 14.04
CA ASN A 233 -4.46 -13.01 15.42
C ASN A 233 -4.31 -14.48 15.81
N GLY A 234 -4.02 -14.73 17.09
CA GLY A 234 -3.84 -16.08 17.58
C GLY A 234 -2.41 -16.54 17.44
N ASP A 235 -2.20 -17.86 17.53
CA ASP A 235 -0.85 -18.43 17.53
C ASP A 235 -0.06 -18.08 16.27
N GLN A 236 -0.56 -18.50 15.11
CA GLN A 236 0.15 -18.30 13.85
C GLN A 236 0.51 -16.83 13.62
N TRP A 237 -0.33 -15.93 14.11
CA TRP A 237 -0.05 -14.50 14.03
C TRP A 237 1.25 -14.19 14.77
N HIS A 238 1.38 -14.73 15.97
CA HIS A 238 2.55 -14.48 16.80
C HIS A 238 3.79 -15.16 16.23
N GLU A 239 3.60 -16.36 15.66
CA GLU A 239 4.72 -17.11 15.09
C GLU A 239 5.41 -16.32 13.98
N ILE A 240 4.64 -15.51 13.28
CA ILE A 240 5.19 -14.68 12.21
C ILE A 240 6.03 -13.54 12.81
N ARG A 241 5.50 -12.90 13.84
CA ARG A 241 6.20 -11.81 14.50
C ARG A 241 7.44 -12.32 15.21
N GLN A 242 7.50 -13.64 15.44
CA GLN A 242 8.70 -14.27 15.96
C GLN A 242 9.77 -14.39 14.87
N GLY A 243 9.43 -13.95 13.66
CA GLY A 243 10.41 -13.79 12.60
C GLY A 243 10.50 -14.93 11.59
N ARG A 244 9.50 -15.81 11.56
CA ARG A 244 9.48 -16.91 10.59
C ARG A 244 8.37 -16.74 9.55
N LEU A 245 8.72 -17.05 8.31
CA LEU A 245 7.86 -16.82 7.15
C LEU A 245 6.69 -17.80 7.05
N PRO A 246 5.56 -17.35 6.47
CA PRO A 246 4.55 -18.30 6.00
C PRO A 246 5.10 -19.15 4.85
N ARG A 247 4.60 -20.37 4.71
CA ARG A 247 5.09 -21.28 3.68
C ARG A 247 4.79 -20.74 2.28
N ILE A 248 5.80 -20.69 1.42
CA ILE A 248 5.62 -20.27 0.03
C ILE A 248 5.68 -21.50 -0.88
N PRO A 249 4.64 -21.70 -1.71
CA PRO A 249 4.57 -22.93 -2.53
C PRO A 249 5.51 -22.94 -3.74
N GLN A 250 5.99 -21.77 -4.16
CA GLN A 250 6.91 -21.73 -5.30
C GLN A 250 8.34 -21.96 -4.82
N VAL A 251 9.24 -22.16 -5.78
CA VAL A 251 10.63 -22.42 -5.47
C VAL A 251 11.41 -21.12 -5.50
N LEU A 252 11.61 -20.53 -4.32
CA LEU A 252 12.37 -19.30 -4.17
C LEU A 252 13.78 -19.61 -3.69
N SER A 253 14.75 -18.91 -4.27
CA SER A 253 16.15 -19.00 -3.83
C SER A 253 16.23 -18.85 -2.31
N GLN A 254 17.15 -19.58 -1.69
CA GLN A 254 17.32 -19.53 -0.24
C GLN A 254 17.67 -18.13 0.22
N GLU A 255 18.21 -17.32 -0.69
CA GLU A 255 18.70 -15.99 -0.35
C GLU A 255 17.60 -14.93 -0.48
N PHE A 256 16.69 -15.09 -1.44
CA PHE A 256 15.53 -14.22 -1.53
C PHE A 256 14.68 -14.45 -0.28
N THR A 257 14.57 -15.72 0.10
CA THR A 257 13.91 -16.13 1.34
C THR A 257 14.51 -15.40 2.53
N GLU A 258 15.85 -15.39 2.59
CA GLU A 258 16.54 -14.81 3.72
C GLU A 258 16.34 -13.30 3.76
N LEU A 259 16.11 -12.70 2.60
CA LEU A 259 15.82 -11.28 2.54
C LEU A 259 14.44 -11.00 3.13
N LEU A 260 13.48 -11.84 2.80
CA LEU A 260 12.12 -11.68 3.31
C LEU A 260 12.06 -12.00 4.80
N LYS A 261 12.87 -12.95 5.25
CA LYS A 261 12.89 -13.33 6.65
C LYS A 261 13.35 -12.18 7.53
N VAL A 262 14.46 -11.55 7.14
CA VAL A 262 15.02 -10.47 7.94
C VAL A 262 14.14 -9.22 7.88
N MET A 263 13.24 -9.17 6.89
CA MET A 263 12.32 -8.06 6.78
C MET A 263 11.20 -8.15 7.82
N ILE A 264 10.97 -9.34 8.37
CA ILE A 264 10.03 -9.51 9.47
C ILE A 264 10.76 -9.90 10.77
N HIS A 265 12.03 -9.54 10.85
CA HIS A 265 12.82 -9.78 12.05
C HIS A 265 12.16 -9.09 13.25
N PRO A 266 12.06 -9.80 14.41
CA PRO A 266 11.46 -9.22 15.61
C PRO A 266 12.03 -7.85 15.99
N ASP A 267 13.34 -7.71 15.85
CA ASP A 267 14.03 -6.44 16.09
C ASP A 267 13.94 -5.58 14.83
N PRO A 268 13.10 -4.51 14.86
CA PRO A 268 12.94 -3.74 13.63
C PRO A 268 14.22 -3.04 13.19
N GLU A 269 15.21 -2.93 14.07
CA GLU A 269 16.48 -2.33 13.70
C GLU A 269 17.31 -3.28 12.83
N ARG A 270 16.98 -4.57 12.88
CA ARG A 270 17.66 -5.57 12.04
C ARG A 270 17.00 -5.64 10.66
N ARG A 271 15.80 -5.11 10.53
CA ARG A 271 15.17 -4.98 9.23
C ARG A 271 15.89 -3.91 8.42
N PRO A 272 16.09 -4.15 7.12
CA PRO A 272 16.71 -3.09 6.29
C PRO A 272 15.81 -1.88 6.15
N SER A 273 16.42 -0.71 5.97
CA SER A 273 15.68 0.48 5.58
C SER A 273 15.20 0.31 4.15
N ALA A 274 14.33 1.20 3.70
CA ALA A 274 13.89 1.19 2.32
C ALA A 274 15.10 1.41 1.41
N MET A 275 15.99 2.30 1.81
CA MET A 275 17.14 2.64 0.98
C MET A 275 18.13 1.46 0.93
N ALA A 276 18.28 0.77 2.06
CA ALA A 276 19.11 -0.43 2.11
C ALA A 276 18.47 -1.52 1.27
N LEU A 277 17.13 -1.52 1.24
CA LEU A 277 16.38 -2.53 0.50
C LEU A 277 16.57 -2.39 -1.01
N VAL A 278 16.42 -1.18 -1.54
CA VAL A 278 16.48 -0.99 -2.99
C VAL A 278 17.91 -1.13 -3.53
N LYS A 279 18.89 -1.11 -2.63
CA LYS A 279 20.29 -1.26 -3.03
C LYS A 279 20.80 -2.70 -2.82
N HIS A 280 19.90 -3.60 -2.44
CA HIS A 280 20.27 -4.97 -2.13
C HIS A 280 20.62 -5.74 -3.39
N SER A 281 21.69 -6.54 -3.32
CA SER A 281 22.18 -7.29 -4.48
C SER A 281 21.14 -8.28 -5.02
N VAL A 282 20.34 -8.85 -4.12
CA VAL A 282 19.32 -9.82 -4.49
C VAL A 282 18.30 -9.19 -5.45
N LEU A 283 18.11 -7.88 -5.34
CA LEU A 283 17.08 -7.17 -6.11
C LEU A 283 17.62 -6.33 -7.26
N LEU A 284 18.88 -6.53 -7.65
CA LEU A 284 19.47 -5.73 -8.73
C LEU A 284 19.88 -6.61 -9.92
N SER A 285 19.00 -6.79 -10.91
CA SER A 285 17.64 -6.24 -10.92
C SER A 285 16.73 -7.09 -11.80
#